data_8IT6
#
_entry.id   8IT6
#
_cell.length_a   82.545
_cell.length_b   88.584
_cell.length_c   95.680
_cell.angle_alpha   90.00
_cell.angle_beta   90.00
_cell.angle_gamma   90.00
#
_symmetry.space_group_name_H-M   'P 21 21 21'
#
loop_
_entity.id
_entity.type
_entity.pdbx_description
1 polymer 'Phosphoglycerate mutase 1'
2 non-polymer 'CHLORIDE ION'
3 non-polymer '4-[4-chloranyl-2-(2-hydroxy-2-oxoethyloxy)phenyl]-2-[(4-phenylphenyl)sulfonylamino]benzoic acid'
4 water water
#
_entity_poly.entity_id   1
_entity_poly.type   'polypeptide(L)'
_entity_poly.pdbx_seq_one_letter_code
;MAAYKLVLIRHGESAWNLENRFSGWYDADLSPAGHEEAKRGGQALRDAGYEFDICFTSVQKRAIRTLWTVLDAIDQMWLP
VVRTWRLNERHYGGLTGLNKAETAAKHGEAQVKIWRRSYDVPPPPMEPDHPFYSNISKDRRYADLTEDQLPSCESLKDTI
ARALPFWNEEIVPQIKEGKRVLIAAHGNSLRGIVKHLEGLSEEAIMELNLPTGIPIVYELDKNLKPIKPMQFLGDEETVR
KAMEAVAAQGKAKKLEHHHHHH
;
_entity_poly.pdbx_strand_id   B,C
#
# COMPACT_ATOMS: atom_id res chain seq x y z
N ALA A 3 7.95 -25.98 8.83
CA ALA A 3 7.91 -24.97 9.87
C ALA A 3 7.57 -23.59 9.30
N TYR A 4 6.26 -23.30 9.18
CA TYR A 4 5.75 -21.98 8.80
C TYR A 4 6.48 -20.87 9.54
N LYS A 5 6.74 -19.75 8.87
CA LYS A 5 7.33 -18.58 9.51
C LYS A 5 6.35 -17.42 9.43
N LEU A 6 6.12 -16.76 10.59
CA LEU A 6 5.19 -15.64 10.74
C LEU A 6 5.90 -14.50 11.42
N VAL A 7 5.74 -13.28 10.91
CA VAL A 7 6.44 -12.12 11.45
C VAL A 7 5.42 -11.04 11.80
N LEU A 8 5.55 -10.46 12.99
CA LEU A 8 4.71 -9.39 13.47
C LEU A 8 5.61 -8.22 13.82
N ILE A 9 5.11 -7.01 13.60
CA ILE A 9 5.82 -5.82 14.03
C ILE A 9 4.80 -4.84 14.56
N ARG A 10 5.16 -4.17 15.63
CA ARG A 10 4.30 -3.20 16.27
C ARG A 10 4.90 -1.82 16.05
N HIS A 11 4.07 -0.86 15.64
CA HIS A 11 4.57 0.45 15.31
C HIS A 11 5.17 1.08 16.56
N GLY A 12 5.92 2.16 16.36
CA GLY A 12 6.55 2.86 17.44
C GLY A 12 5.84 4.15 17.82
N GLU A 13 6.63 5.11 18.28
CA GLU A 13 6.11 6.33 18.84
C GLU A 13 5.26 7.09 17.83
N SER A 14 4.16 7.67 18.28
CA SER A 14 3.32 8.50 17.43
C SER A 14 3.40 9.94 17.89
N ALA A 15 2.81 10.80 17.06
CA ALA A 15 2.93 12.24 17.24
C ALA A 15 2.33 12.69 18.56
N TRP A 16 2.80 13.84 19.04
CA TRP A 16 2.25 14.52 20.20
C TRP A 16 2.10 13.58 21.38
N ASN A 17 2.99 12.60 21.51
CA ASN A 17 2.97 11.75 22.68
C ASN A 17 1.71 10.93 22.78
N LEU A 18 1.02 10.71 21.66
CA LEU A 18 -0.30 10.08 21.75
C LEU A 18 -0.23 8.62 22.18
N GLU A 19 0.93 7.95 22.02
CA GLU A 19 1.00 6.59 22.56
C GLU A 19 0.87 6.58 24.08
N ASN A 20 1.15 7.70 24.74
CA ASN A 20 0.89 7.84 26.17
C ASN A 20 -0.38 8.61 26.44
N ARG A 21 -1.29 8.72 25.46
CA ARG A 21 -2.55 9.43 25.66
C ARG A 21 -3.72 8.60 25.12
N PHE A 22 -3.61 7.28 25.19
CA PHE A 22 -4.65 6.38 24.72
C PHE A 22 -5.04 6.69 23.28
N SER A 23 -4.03 6.79 22.40
CA SER A 23 -4.28 7.10 21.00
C SER A 23 -5.47 6.32 20.44
N GLY A 24 -5.51 5.02 20.69
CA GLY A 24 -6.70 4.24 20.39
C GLY A 24 -7.07 4.31 18.92
N TRP A 25 -8.31 4.68 18.64
CA TRP A 25 -8.77 4.79 17.26
C TRP A 25 -8.55 6.18 16.69
N TYR A 26 -7.81 7.04 17.38
CA TYR A 26 -7.48 8.31 16.75
C TYR A 26 -6.28 8.11 15.82
N ASP A 27 -6.35 8.71 14.64
CA ASP A 27 -5.44 8.34 13.56
C ASP A 27 -4.16 9.17 13.67
N ALA A 28 -3.43 8.89 14.76
CA ALA A 28 -2.18 9.59 15.00
C ALA A 28 -1.11 9.10 14.06
N ASP A 29 -0.28 10.02 13.58
CA ASP A 29 0.81 9.60 12.70
C ASP A 29 2.04 9.26 13.53
N LEU A 30 2.93 8.47 12.94
CA LEU A 30 4.22 8.23 13.55
C LEU A 30 4.90 9.56 13.80
N SER A 31 5.65 9.64 14.88
CA SER A 31 6.63 10.71 15.05
C SER A 31 7.85 10.39 14.20
N PRO A 32 8.73 11.37 13.98
CA PRO A 32 10.01 11.04 13.32
C PRO A 32 10.74 9.89 14.01
N ALA A 33 10.80 9.93 15.35
CA ALA A 33 11.41 8.83 16.09
C ALA A 33 10.76 7.49 15.76
N GLY A 34 9.43 7.45 15.73
CA GLY A 34 8.74 6.20 15.44
C GLY A 34 8.95 5.72 14.03
N HIS A 35 9.10 6.65 13.08
CA HIS A 35 9.46 6.28 11.72
C HIS A 35 10.84 5.63 11.68
N GLU A 36 11.81 6.24 12.39
CA GLU A 36 13.15 5.66 12.51
C GLU A 36 13.08 4.26 13.10
N GLU A 37 12.24 4.08 14.11
CA GLU A 37 12.05 2.75 14.69
C GLU A 37 11.63 1.75 13.63
N ALA A 38 10.62 2.09 12.82
CA ALA A 38 10.22 1.21 11.72
C ALA A 38 11.38 0.97 10.76
N LYS A 39 12.20 2.01 10.54
CA LYS A 39 13.32 1.92 9.60
C LYS A 39 14.33 0.88 10.07
N ARG A 40 14.70 0.92 11.36
CA ARG A 40 15.58 -0.09 11.92
C ARG A 40 14.95 -1.48 11.84
N GLY A 41 13.67 -1.60 12.17
CA GLY A 41 13.01 -2.89 12.03
C GLY A 41 13.14 -3.44 10.62
N GLY A 42 13.00 -2.56 9.63
CA GLY A 42 13.13 -2.99 8.26
C GLY A 42 14.54 -3.39 7.91
N GLN A 43 15.52 -2.62 8.37
CA GLN A 43 16.91 -2.98 8.14
C GLN A 43 17.20 -4.35 8.72
N ALA A 44 16.70 -4.62 9.93
CA ALA A 44 16.95 -5.93 10.52
C ALA A 44 16.32 -7.01 9.67
N LEU A 45 15.09 -6.80 9.22
CA LEU A 45 14.48 -7.80 8.37
C LEU A 45 15.28 -7.97 7.07
N ARG A 46 15.95 -6.92 6.60
CA ARG A 46 16.70 -7.08 5.36
C ARG A 46 17.97 -7.87 5.61
N ASP A 47 18.74 -7.45 6.62
CA ASP A 47 20.02 -8.09 6.94
C ASP A 47 19.86 -9.59 7.15
N ALA A 48 18.70 -10.03 7.60
CA ALA A 48 18.41 -11.44 7.74
C ALA A 48 17.74 -12.01 6.50
N GLY A 49 17.64 -11.23 5.43
CA GLY A 49 17.13 -11.78 4.17
C GLY A 49 15.71 -12.30 4.25
N TYR A 50 14.88 -11.74 5.11
CA TYR A 50 13.52 -12.23 5.20
C TYR A 50 12.75 -11.94 3.91
N GLU A 51 11.85 -12.85 3.56
CA GLU A 51 11.00 -12.72 2.38
C GLU A 51 9.56 -13.00 2.74
N PHE A 52 8.65 -12.13 2.30
CA PHE A 52 7.23 -12.34 2.51
C PHE A 52 6.51 -12.46 1.19
N ASP A 53 5.27 -12.94 1.26
CA ASP A 53 4.42 -13.04 0.10
C ASP A 53 3.13 -12.26 0.25
N ILE A 54 2.85 -11.69 1.42
CA ILE A 54 1.63 -10.94 1.63
C ILE A 54 1.68 -10.31 3.02
N CYS A 55 1.16 -9.08 3.15
CA CYS A 55 1.19 -8.33 4.39
C CYS A 55 -0.22 -7.93 4.80
N PHE A 56 -0.48 -7.98 6.10
CA PHE A 56 -1.71 -7.49 6.66
C PHE A 56 -1.40 -6.33 7.59
N THR A 57 -2.31 -5.35 7.62
CA THR A 57 -2.19 -4.18 8.48
C THR A 57 -3.59 -3.65 8.79
N SER A 58 -3.62 -2.65 9.66
CA SER A 58 -4.85 -1.99 10.07
C SER A 58 -5.20 -0.87 9.07
N VAL A 59 -6.19 -0.05 9.41
CA VAL A 59 -6.52 1.14 8.64
C VAL A 59 -5.98 2.40 9.30
N GLN A 60 -5.06 2.26 10.26
CA GLN A 60 -4.51 3.38 11.01
C GLN A 60 -3.12 3.71 10.50
N LYS A 61 -2.86 5.00 10.27
CA LYS A 61 -1.71 5.35 9.45
C LYS A 61 -0.39 5.05 10.15
N ARG A 62 -0.35 5.08 11.49
CA ARG A 62 0.94 4.78 12.13
C ARG A 62 1.38 3.35 11.80
N ALA A 63 0.44 2.41 11.76
CA ALA A 63 0.77 1.05 11.35
C ALA A 63 0.98 0.93 9.85
N ILE A 64 0.12 1.57 9.06
CA ILE A 64 0.32 1.56 7.60
C ILE A 64 1.71 2.09 7.26
N ARG A 65 2.13 3.17 7.90
CA ARG A 65 3.41 3.77 7.58
C ARG A 65 4.56 2.90 8.05
N THR A 66 4.40 2.27 9.21
CA THR A 66 5.39 1.28 9.61
C THR A 66 5.54 0.21 8.52
N LEU A 67 4.42 -0.30 7.99
CA LEU A 67 4.49 -1.32 6.95
C LEU A 67 5.17 -0.79 5.68
N TRP A 68 4.81 0.43 5.28
CA TRP A 68 5.43 1.04 4.11
C TRP A 68 6.94 1.10 4.27
N THR A 69 7.37 1.46 5.48
CA THR A 69 8.77 1.74 5.72
C THR A 69 9.58 0.44 5.75
N VAL A 70 9.01 -0.59 6.37
CA VAL A 70 9.64 -1.89 6.33
C VAL A 70 9.77 -2.35 4.89
N LEU A 71 8.65 -2.34 4.15
CA LEU A 71 8.67 -2.82 2.78
C LEU A 71 9.65 -2.04 1.91
N ASP A 72 9.81 -0.75 2.18
CA ASP A 72 10.84 0.03 1.52
C ASP A 72 12.22 -0.53 1.83
N ALA A 73 12.52 -0.68 3.12
CA ALA A 73 13.85 -1.09 3.53
C ALA A 73 14.20 -2.48 2.99
N ILE A 74 13.23 -3.37 2.87
CA ILE A 74 13.50 -4.74 2.43
C ILE A 74 13.26 -4.91 0.95
N ASP A 75 12.95 -3.83 0.22
CA ASP A 75 12.77 -3.87 -1.23
C ASP A 75 11.66 -4.85 -1.64
N GLN A 76 10.51 -4.75 -0.98
CA GLN A 76 9.36 -5.61 -1.33
C GLN A 76 8.08 -4.78 -1.39
N MET A 77 8.18 -3.57 -1.94
CA MET A 77 7.05 -2.67 -2.06
C MET A 77 5.98 -3.23 -2.97
N TRP A 78 6.32 -4.22 -3.79
CA TRP A 78 5.37 -4.82 -4.72
C TRP A 78 4.42 -5.81 -4.03
N LEU A 79 4.59 -6.04 -2.73
CA LEU A 79 3.84 -7.10 -2.07
C LEU A 79 2.37 -6.73 -1.93
N PRO A 80 1.46 -7.68 -2.08
CA PRO A 80 0.05 -7.41 -1.79
C PRO A 80 -0.13 -7.06 -0.30
N VAL A 81 -0.95 -6.01 -0.05
CA VAL A 81 -1.23 -5.51 1.29
C VAL A 81 -2.73 -5.52 1.51
N VAL A 82 -3.16 -6.04 2.65
CA VAL A 82 -4.55 -6.03 3.06
C VAL A 82 -4.68 -5.18 4.33
N ARG A 83 -5.57 -4.19 4.30
CA ARG A 83 -5.86 -3.34 5.45
C ARG A 83 -7.24 -3.68 5.98
N THR A 84 -7.37 -3.83 7.30
CA THR A 84 -8.64 -4.14 7.94
C THR A 84 -8.76 -3.40 9.27
N TRP A 85 -9.94 -2.83 9.53
CA TRP A 85 -10.19 -2.23 10.83
C TRP A 85 -10.11 -3.24 11.98
N ARG A 86 -10.22 -4.54 11.68
CA ARG A 86 -10.12 -5.53 12.76
C ARG A 86 -8.72 -5.64 13.34
N LEU A 87 -7.70 -5.12 12.66
CA LEU A 87 -6.38 -5.06 13.27
C LEU A 87 -6.11 -3.72 13.95
N ASN A 88 -7.12 -2.85 14.02
CA ASN A 88 -7.02 -1.54 14.67
C ASN A 88 -6.64 -1.65 16.14
N GLU A 89 -6.00 -0.61 16.65
CA GLU A 89 -5.72 -0.52 18.08
C GLU A 89 -7.01 -0.62 18.89
N ARG A 90 -6.86 -0.98 20.16
CA ARG A 90 -7.98 -0.97 21.06
C ARG A 90 -8.64 0.41 21.07
N HIS A 91 -9.96 0.44 21.21
CA HIS A 91 -10.71 1.68 21.28
C HIS A 91 -10.87 2.09 22.75
N TYR A 92 -10.21 3.18 23.15
CA TYR A 92 -10.17 3.55 24.57
C TYR A 92 -11.29 4.52 24.98
N GLY A 93 -12.34 4.61 24.19
CA GLY A 93 -13.50 5.39 24.57
C GLY A 93 -13.15 6.80 24.95
N GLY A 94 -13.79 7.28 26.03
CA GLY A 94 -13.62 8.66 26.45
C GLY A 94 -12.21 9.01 26.86
N LEU A 95 -11.39 8.02 27.20
CA LEU A 95 -10.02 8.30 27.61
C LEU A 95 -9.11 8.64 26.43
N THR A 96 -9.51 8.29 25.22
CA THR A 96 -8.74 8.60 24.01
C THR A 96 -8.32 10.06 24.02
N GLY A 97 -7.01 10.31 24.01
CA GLY A 97 -6.48 11.66 24.00
C GLY A 97 -6.01 12.17 25.35
N LEU A 98 -6.40 11.54 26.46
CA LEU A 98 -6.01 12.02 27.78
C LEU A 98 -4.68 11.40 28.22
N ASN A 99 -3.89 12.18 28.97
CA ASN A 99 -2.70 11.62 29.59
C ASN A 99 -3.06 10.94 30.92
N LYS A 100 -2.08 10.26 31.51
CA LYS A 100 -2.32 9.56 32.78
C LYS A 100 -2.91 10.49 33.84
N ALA A 101 -2.29 11.65 34.04
CA ALA A 101 -2.75 12.58 35.05
C ALA A 101 -4.20 12.97 34.82
N GLU A 102 -4.54 13.35 33.59
CA GLU A 102 -5.89 13.83 33.33
C GLU A 102 -6.90 12.71 33.53
N THR A 103 -6.52 11.49 33.17
CA THR A 103 -7.38 10.35 33.44
C THR A 103 -7.59 10.16 34.93
N ALA A 104 -6.53 10.30 35.73
CA ALA A 104 -6.68 10.19 37.18
C ALA A 104 -7.57 11.30 37.71
N ALA A 105 -7.31 12.54 37.31
CA ALA A 105 -8.16 13.64 37.75
C ALA A 105 -9.63 13.35 37.45
N LYS A 106 -9.94 12.94 36.22
CA LYS A 106 -11.33 12.79 35.81
C LYS A 106 -12.00 11.53 36.36
N HIS A 107 -11.27 10.47 36.65
CA HIS A 107 -11.96 9.24 37.01
C HIS A 107 -11.58 8.62 38.35
N GLY A 108 -10.51 9.06 39.02
CA GLY A 108 -10.12 8.44 40.26
C GLY A 108 -9.15 7.30 40.08
N GLU A 109 -8.13 7.27 40.94
CA GLU A 109 -7.15 6.19 40.94
C GLU A 109 -7.82 4.81 41.03
N ALA A 110 -8.90 4.69 41.79
CA ALA A 110 -9.53 3.39 41.95
C ALA A 110 -10.06 2.88 40.62
N GLN A 111 -10.86 3.70 39.94
CA GLN A 111 -11.41 3.25 38.67
C GLN A 111 -10.31 3.04 37.62
N VAL A 112 -9.26 3.86 37.66
CA VAL A 112 -8.21 3.71 36.66
C VAL A 112 -7.46 2.39 36.84
N LYS A 113 -7.16 2.02 38.10
CA LYS A 113 -6.50 0.75 38.35
C LYS A 113 -7.37 -0.42 37.93
N ILE A 114 -8.68 -0.32 38.21
CA ILE A 114 -9.57 -1.39 37.79
C ILE A 114 -9.53 -1.55 36.26
N TRP A 115 -9.56 -0.42 35.53
CA TRP A 115 -9.53 -0.51 34.07
C TRP A 115 -8.23 -1.13 33.58
N ARG A 116 -7.10 -0.73 34.17
CA ARG A 116 -5.83 -1.39 33.87
C ARG A 116 -5.93 -2.91 34.01
N ARG A 117 -6.40 -3.40 35.16
CA ARG A 117 -6.29 -4.83 35.47
C ARG A 117 -7.44 -5.67 34.93
N SER A 118 -8.42 -5.10 34.25
CA SER A 118 -9.63 -5.86 33.90
C SER A 118 -9.61 -6.31 32.45
N TYR A 119 -9.95 -7.57 32.22
CA TYR A 119 -9.99 -8.10 30.88
C TYR A 119 -11.29 -7.74 30.16
N ASP A 120 -12.39 -7.54 30.88
CA ASP A 120 -13.68 -7.41 30.23
C ASP A 120 -14.43 -6.15 30.68
N VAL A 121 -13.75 -5.18 31.27
CA VAL A 121 -14.41 -3.94 31.69
C VAL A 121 -14.00 -2.82 30.74
N PRO A 122 -14.92 -2.31 29.91
CA PRO A 122 -14.55 -1.24 28.99
C PRO A 122 -14.43 0.07 29.72
N PRO A 123 -13.66 1.02 29.20
CA PRO A 123 -13.66 2.37 29.76
C PRO A 123 -14.96 3.05 29.38
N PRO A 124 -15.19 4.28 29.84
CA PRO A 124 -16.45 4.93 29.50
C PRO A 124 -16.54 5.17 28.02
N PRO A 125 -17.74 5.23 27.46
CA PRO A 125 -17.87 5.43 26.01
C PRO A 125 -17.34 6.80 25.60
N MET A 126 -16.95 6.91 24.33
CA MET A 126 -16.59 8.21 23.80
C MET A 126 -17.91 8.89 23.38
N GLU A 127 -18.22 10.00 24.01
CA GLU A 127 -19.48 10.70 23.91
C GLU A 127 -19.41 11.76 22.82
N PRO A 128 -20.55 12.23 22.33
CA PRO A 128 -20.53 13.22 21.24
C PRO A 128 -19.81 14.52 21.58
N ASP A 129 -19.65 14.85 22.86
CA ASP A 129 -18.88 16.05 23.19
C ASP A 129 -17.37 15.82 23.14
N HIS A 130 -16.94 14.58 23.02
CA HIS A 130 -15.51 14.31 22.93
C HIS A 130 -14.94 14.95 21.68
N PRO A 131 -13.75 15.55 21.74
CA PRO A 131 -13.22 16.21 20.56
C PRO A 131 -12.95 15.26 19.40
N PHE A 132 -12.82 13.97 19.66
CA PHE A 132 -12.57 13.00 18.59
C PHE A 132 -13.84 12.28 18.14
N TYR A 133 -15.02 12.64 18.66
CA TYR A 133 -16.20 11.81 18.43
C TYR A 133 -16.55 11.69 16.94
N SER A 134 -16.82 12.82 16.27
CA SER A 134 -17.15 12.75 14.85
C SER A 134 -15.92 12.40 14.01
N ASN A 135 -14.73 12.86 14.43
CA ASN A 135 -13.48 12.53 13.76
C ASN A 135 -13.36 11.03 13.51
N ILE A 136 -13.60 10.22 14.53
CA ILE A 136 -13.47 8.78 14.40
C ILE A 136 -14.75 8.14 13.88
N SER A 137 -15.89 8.44 14.50
CA SER A 137 -17.08 7.65 14.24
C SER A 137 -17.72 7.98 12.90
N LYS A 138 -17.52 9.20 12.40
CA LYS A 138 -18.03 9.57 11.09
C LYS A 138 -16.94 9.47 10.04
N ASP A 139 -15.89 8.71 10.31
CA ASP A 139 -14.78 8.64 9.37
C ASP A 139 -15.12 7.69 8.24
N ARG A 140 -14.94 8.16 7.01
CA ARG A 140 -15.36 7.40 5.83
C ARG A 140 -14.87 5.96 5.87
N ARG A 141 -13.70 5.74 6.45
CA ARG A 141 -13.11 4.41 6.40
C ARG A 141 -13.94 3.38 7.19
N TYR A 142 -14.86 3.82 8.06
CA TYR A 142 -15.70 2.93 8.84
C TYR A 142 -17.13 2.89 8.33
N ALA A 143 -17.41 3.54 7.20
CA ALA A 143 -18.79 3.72 6.80
C ALA A 143 -19.43 2.44 6.29
N ASP A 144 -18.67 1.34 6.21
CA ASP A 144 -19.16 0.02 5.84
C ASP A 144 -19.40 -0.85 7.06
N LEU A 145 -19.02 -0.39 8.25
CA LEU A 145 -19.30 -1.12 9.47
C LEU A 145 -20.78 -0.97 9.85
N THR A 146 -21.33 -2.03 10.42
CA THR A 146 -22.65 -1.98 11.03
C THR A 146 -22.61 -1.20 12.33
N GLU A 147 -23.77 -0.67 12.72
CA GLU A 147 -23.87 0.10 13.96
CA GLU A 147 -23.84 0.12 13.95
C GLU A 147 -23.25 -0.64 15.13
N ASP A 148 -23.45 -1.96 15.17
CA ASP A 148 -22.91 -2.71 16.28
C ASP A 148 -21.42 -3.01 16.12
N GLN A 149 -20.84 -2.81 14.95
CA GLN A 149 -19.40 -3.03 14.78
C GLN A 149 -18.57 -1.83 15.17
N LEU A 150 -19.10 -0.61 14.98
CA LEU A 150 -18.29 0.57 15.23
C LEU A 150 -18.21 0.84 16.73
N PRO A 151 -17.10 0.55 17.38
CA PRO A 151 -17.05 0.70 18.84
C PRO A 151 -17.16 2.16 19.26
N SER A 152 -17.69 2.37 20.46
CA SER A 152 -17.51 3.62 21.17
C SER A 152 -16.56 3.48 22.34
N CYS A 153 -16.18 2.25 22.67
CA CYS A 153 -15.16 1.90 23.66
C CYS A 153 -14.93 0.41 23.51
N GLU A 154 -13.86 -0.07 24.16
CA GLU A 154 -13.56 -1.49 24.07
C GLU A 154 -12.83 -1.95 25.31
N SER A 155 -13.27 -3.08 25.85
CA SER A 155 -12.41 -3.87 26.72
C SER A 155 -11.39 -4.63 25.88
N LEU A 156 -10.29 -5.04 26.52
CA LEU A 156 -9.33 -5.91 25.86
C LEU A 156 -10.03 -7.08 25.19
N LYS A 157 -11.02 -7.65 25.88
CA LYS A 157 -11.77 -8.75 25.29
C LYS A 157 -12.44 -8.31 23.99
N ASP A 158 -13.04 -7.11 23.97
CA ASP A 158 -13.69 -6.63 22.75
C ASP A 158 -12.69 -6.56 21.59
N THR A 159 -11.51 -5.98 21.84
CA THR A 159 -10.51 -5.84 20.79
C THR A 159 -10.16 -7.21 20.21
N ILE A 160 -9.83 -8.17 21.09
CA ILE A 160 -9.47 -9.51 20.64
C ILE A 160 -10.63 -10.19 19.94
N ALA A 161 -11.84 -10.04 20.46
CA ALA A 161 -12.99 -10.65 19.79
C ALA A 161 -13.12 -10.12 18.38
N ARG A 162 -12.89 -8.83 18.18
CA ARG A 162 -13.14 -8.31 16.84
C ARG A 162 -12.01 -8.68 15.89
N ALA A 163 -10.80 -8.87 16.43
CA ALA A 163 -9.65 -9.21 15.62
C ALA A 163 -9.63 -10.69 15.24
N LEU A 164 -9.97 -11.59 16.16
CA LEU A 164 -9.77 -13.00 15.86
C LEU A 164 -10.52 -13.44 14.60
N PRO A 165 -11.75 -13.03 14.33
CA PRO A 165 -12.38 -13.40 13.06
C PRO A 165 -11.53 -13.10 11.83
N PHE A 166 -10.83 -11.96 11.80
CA PHE A 166 -9.98 -11.68 10.65
C PHE A 166 -8.83 -12.66 10.58
N TRP A 167 -8.16 -12.89 11.71
CA TRP A 167 -7.15 -13.92 11.78
C TRP A 167 -7.66 -15.23 11.17
N ASN A 168 -8.70 -15.79 11.79
CA ASN A 168 -9.24 -17.08 11.38
C ASN A 168 -9.58 -17.10 9.90
N GLU A 169 -10.36 -16.11 9.44
CA GLU A 169 -10.95 -16.15 8.11
C GLU A 169 -10.03 -15.61 7.02
N GLU A 170 -8.88 -15.03 7.36
CA GLU A 170 -8.14 -14.34 6.32
C GLU A 170 -6.64 -14.54 6.44
N ILE A 171 -6.09 -14.56 7.64
CA ILE A 171 -4.65 -14.73 7.73
C ILE A 171 -4.28 -16.21 7.71
N VAL A 172 -5.02 -17.00 8.49
CA VAL A 172 -4.75 -18.44 8.58
C VAL A 172 -4.77 -19.12 7.22
N PRO A 173 -5.78 -18.90 6.36
CA PRO A 173 -5.75 -19.52 5.03
C PRO A 173 -4.48 -19.20 4.25
N GLN A 174 -4.01 -17.95 4.32
CA GLN A 174 -2.75 -17.63 3.66
C GLN A 174 -1.60 -18.45 4.23
N ILE A 175 -1.54 -18.55 5.57
CA ILE A 175 -0.43 -19.28 6.19
C ILE A 175 -0.45 -20.75 5.78
N LYS A 176 -1.64 -21.33 5.63
CA LYS A 176 -1.73 -22.76 5.33
C LYS A 176 -1.30 -23.05 3.90
N GLU A 177 -1.65 -22.17 2.95
CA GLU A 177 -1.17 -22.29 1.58
C GLU A 177 0.32 -22.04 1.47
N GLY A 178 0.98 -21.78 2.60
CA GLY A 178 2.41 -21.54 2.61
C GLY A 178 2.88 -20.11 2.40
N LYS A 179 1.98 -19.14 2.23
CA LYS A 179 2.43 -17.77 2.05
C LYS A 179 3.14 -17.26 3.30
N ARG A 180 4.26 -16.58 3.11
CA ARG A 180 5.00 -15.99 4.22
C ARG A 180 4.33 -14.67 4.59
N VAL A 181 3.70 -14.63 5.76
CA VAL A 181 2.83 -13.53 6.16
C VAL A 181 3.59 -12.58 7.05
N LEU A 182 3.48 -11.29 6.76
CA LEU A 182 3.96 -10.22 7.62
C LEU A 182 2.76 -9.43 8.13
N ILE A 183 2.73 -9.12 9.43
CA ILE A 183 1.63 -8.38 10.04
C ILE A 183 2.19 -7.18 10.78
N ALA A 184 1.78 -5.98 10.34
CA ALA A 184 2.12 -4.70 10.98
C ALA A 184 0.85 -4.16 11.61
N ALA A 185 0.80 -4.13 12.94
CA ALA A 185 -0.39 -3.56 13.58
C ALA A 185 -0.06 -2.88 14.90
N HIS A 186 -0.93 -3.04 15.90
CA HIS A 186 -0.84 -2.29 17.15
C HIS A 186 -0.70 -3.24 18.33
N GLY A 187 -0.35 -2.67 19.48
CA GLY A 187 -0.19 -3.48 20.67
C GLY A 187 -1.31 -4.47 20.95
N ASN A 188 -2.55 -4.00 21.05
CA ASN A 188 -3.60 -4.88 21.56
C ASN A 188 -4.15 -5.82 20.48
N SER A 189 -4.10 -5.44 19.19
CA SER A 189 -4.51 -6.39 18.15
C SER A 189 -3.46 -7.48 18.00
N LEU A 190 -2.18 -7.11 18.08
CA LEU A 190 -1.13 -8.12 18.09
C LEU A 190 -1.27 -9.02 19.32
N ARG A 191 -1.65 -8.43 20.45
CA ARG A 191 -1.85 -9.21 21.68
C ARG A 191 -2.94 -10.25 21.47
N GLY A 192 -4.03 -9.88 20.84
CA GLY A 192 -5.04 -10.88 20.52
C GLY A 192 -4.47 -12.04 19.71
N ILE A 193 -3.66 -11.71 18.70
CA ILE A 193 -3.05 -12.77 17.89
C ILE A 193 -2.15 -13.65 18.73
N VAL A 194 -1.30 -13.03 19.55
CA VAL A 194 -0.39 -13.81 20.39
C VAL A 194 -1.17 -14.67 21.37
N LYS A 195 -2.22 -14.13 21.96
CA LYS A 195 -3.04 -14.91 22.87
C LYS A 195 -3.58 -16.13 22.16
N HIS A 196 -4.04 -15.98 20.93
CA HIS A 196 -4.60 -17.14 20.24
C HIS A 196 -3.52 -18.15 19.85
N LEU A 197 -2.38 -17.67 19.34
CA LEU A 197 -1.25 -18.56 19.05
C LEU A 197 -0.87 -19.41 20.26
N GLU A 198 -0.46 -18.75 21.34
CA GLU A 198 0.13 -19.39 22.51
C GLU A 198 -0.92 -19.86 23.52
N GLY A 199 -2.19 -19.90 23.15
CA GLY A 199 -3.26 -20.23 24.07
C GLY A 199 -3.16 -19.63 25.45
N LEU A 200 -2.84 -18.33 25.54
CA LEU A 200 -2.60 -17.73 26.84
C LEU A 200 -3.92 -17.46 27.58
N SER A 201 -3.76 -17.17 28.88
CA SER A 201 -4.84 -16.81 29.78
C SER A 201 -5.03 -15.28 29.81
N GLU A 202 -6.22 -14.88 30.25
CA GLU A 202 -6.55 -13.46 30.39
C GLU A 202 -5.47 -12.71 31.16
N GLU A 203 -5.14 -13.19 32.35
CA GLU A 203 -4.10 -12.56 33.17
C GLU A 203 -2.74 -12.60 32.47
N ALA A 204 -2.47 -13.65 31.70
CA ALA A 204 -1.21 -13.72 31.00
C ALA A 204 -1.12 -12.66 29.92
N ILE A 205 -2.13 -12.61 29.05
CA ILE A 205 -2.10 -11.65 27.94
C ILE A 205 -2.10 -10.22 28.48
N MET A 206 -2.84 -9.96 29.56
CA MET A 206 -2.75 -8.65 30.20
C MET A 206 -1.38 -8.38 30.78
N GLU A 207 -0.60 -9.44 31.02
CA GLU A 207 0.80 -9.33 31.43
C GLU A 207 1.71 -9.03 30.24
N LEU A 208 1.40 -9.62 29.08
CA LEU A 208 2.31 -9.62 27.95
C LEU A 208 2.49 -8.22 27.36
N ASN A 209 3.74 -7.85 27.05
CA ASN A 209 4.06 -6.49 26.62
C ASN A 209 5.01 -6.54 25.41
N LEU A 210 4.43 -6.49 24.22
CA LEU A 210 5.20 -6.64 22.99
C LEU A 210 6.04 -5.39 22.71
N PRO A 211 7.30 -5.55 22.31
CA PRO A 211 8.14 -4.39 22.02
C PRO A 211 7.83 -3.80 20.65
N THR A 212 8.24 -2.55 20.46
CA THR A 212 7.89 -1.78 19.27
C THR A 212 9.08 -1.65 18.34
N GLY A 213 8.82 -1.73 17.04
CA GLY A 213 9.84 -1.48 16.06
C GLY A 213 10.77 -2.64 15.83
N ILE A 214 10.34 -3.83 16.20
CA ILE A 214 11.21 -4.98 16.32
C ILE A 214 10.47 -6.20 15.81
N PRO A 215 10.93 -6.80 14.72
CA PRO A 215 10.28 -8.00 14.19
C PRO A 215 10.19 -9.08 15.26
N ILE A 216 8.99 -9.65 15.37
CA ILE A 216 8.66 -10.75 16.25
C ILE A 216 8.41 -11.96 15.36
N VAL A 217 9.13 -13.05 15.62
CA VAL A 217 9.14 -14.17 14.70
C VAL A 217 8.56 -15.40 15.38
N TYR A 218 7.62 -16.05 14.71
CA TYR A 218 7.05 -17.32 15.10
C TYR A 218 7.37 -18.40 14.08
N GLU A 219 7.59 -19.61 14.57
CA GLU A 219 7.69 -20.81 13.76
C GLU A 219 6.53 -21.73 14.14
N LEU A 220 5.63 -21.97 13.19
CA LEU A 220 4.42 -22.74 13.39
C LEU A 220 4.50 -24.07 12.67
N ASP A 221 3.66 -25.01 13.09
CA ASP A 221 3.60 -26.33 12.48
C ASP A 221 2.33 -26.45 11.65
N LYS A 222 2.11 -27.66 11.10
CA LYS A 222 0.98 -27.90 10.22
C LYS A 222 -0.35 -27.48 10.84
N ASN A 223 -0.41 -27.35 12.17
CA ASN A 223 -1.63 -26.92 12.84
C ASN A 223 -1.53 -25.50 13.40
N LEU A 224 -0.41 -24.81 13.17
CA LEU A 224 -0.21 -23.40 13.48
C LEU A 224 0.04 -23.17 14.96
N LYS A 225 0.48 -24.18 15.69
CA LYS A 225 0.95 -23.96 17.05
C LYS A 225 2.42 -23.56 17.01
N PRO A 226 2.80 -22.51 17.74
CA PRO A 226 4.24 -22.20 17.87
C PRO A 226 5.01 -23.45 18.26
N ILE A 227 6.23 -23.56 17.74
CA ILE A 227 7.16 -24.62 18.14
C ILE A 227 8.39 -24.04 18.82
N LYS A 228 8.28 -22.84 19.38
CA LYS A 228 9.32 -22.27 20.24
C LYS A 228 8.91 -20.85 20.63
N PRO A 229 9.48 -20.31 21.70
CA PRO A 229 9.09 -18.94 22.08
C PRO A 229 9.38 -17.98 20.94
N MET A 230 8.62 -16.89 20.92
CA MET A 230 8.81 -15.87 19.90
C MET A 230 10.24 -15.33 19.96
N GLN A 231 10.66 -14.68 18.87
CA GLN A 231 12.03 -14.24 18.73
C GLN A 231 12.06 -12.84 18.15
N PHE A 232 13.13 -12.12 18.46
CA PHE A 232 13.28 -10.70 18.17
C PHE A 232 14.55 -10.44 17.36
N LEU A 233 14.44 -9.59 16.31
CA LEU A 233 15.51 -9.39 15.33
C LEU A 233 16.22 -8.06 15.57
N GLY A 234 17.55 -8.12 15.73
CA GLY A 234 18.32 -6.90 15.96
C GLY A 234 19.80 -7.04 16.34
N ASP A 235 20.21 -6.39 17.43
CA ASP A 235 21.60 -6.39 17.89
C ASP A 235 21.96 -7.71 18.57
N ALA B 2 -21.40 14.23 -14.01
CA ALA B 2 -21.20 12.96 -14.69
C ALA B 2 -21.43 11.79 -13.73
N ALA B 3 -21.64 10.60 -14.28
CA ALA B 3 -21.92 9.42 -13.45
C ALA B 3 -20.68 8.99 -12.66
N TYR B 4 -19.51 8.94 -13.30
CA TYR B 4 -18.29 8.43 -12.71
C TYR B 4 -17.16 9.43 -12.87
N LYS B 5 -16.17 9.31 -11.98
CA LYS B 5 -14.93 10.06 -12.08
C LYS B 5 -13.76 9.09 -11.97
N LEU B 6 -12.79 9.24 -12.85
CA LEU B 6 -11.60 8.40 -12.82
C LEU B 6 -10.39 9.30 -12.81
N VAL B 7 -9.41 9.00 -11.96
CA VAL B 7 -8.18 9.76 -11.92
C VAL B 7 -7.01 8.82 -12.21
N LEU B 8 -6.14 9.27 -13.11
CA LEU B 8 -4.91 8.59 -13.47
C LEU B 8 -3.75 9.49 -13.10
N ILE B 9 -2.63 8.88 -12.74
CA ILE B 9 -1.41 9.65 -12.56
C ILE B 9 -0.25 8.81 -13.08
N ARG B 10 0.61 9.46 -13.85
CA ARG B 10 1.82 8.83 -14.34
C ARG B 10 2.96 9.18 -13.37
N HIS B 11 3.77 8.18 -13.00
CA HIS B 11 4.89 8.50 -12.11
C HIS B 11 5.84 9.50 -12.77
N GLY B 12 6.71 10.06 -11.94
CA GLY B 12 7.64 11.08 -12.36
C GLY B 12 9.02 10.51 -12.58
N GLU B 13 10.00 11.41 -12.62
CA GLU B 13 11.38 11.07 -12.96
C GLU B 13 11.96 9.98 -12.05
N SER B 14 12.53 8.95 -12.68
CA SER B 14 13.23 7.89 -11.96
C SER B 14 14.73 8.17 -11.87
N ALA B 15 15.39 7.44 -10.96
CA ALA B 15 16.85 7.41 -10.91
C ALA B 15 17.44 7.19 -12.30
N TRP B 16 16.80 6.35 -13.12
CA TRP B 16 17.40 5.96 -14.38
C TRP B 16 17.15 6.95 -15.50
N ASN B 17 16.06 7.72 -15.44
CA ASN B 17 15.92 8.85 -16.37
C ASN B 17 17.12 9.77 -16.27
N LEU B 18 17.60 10.01 -15.04
CA LEU B 18 18.79 10.84 -14.80
C LEU B 18 20.01 10.33 -15.58
N GLU B 19 20.18 9.02 -15.67
CA GLU B 19 21.28 8.43 -16.41
C GLU B 19 20.96 8.22 -17.88
N ASN B 20 19.78 8.68 -18.34
CA ASN B 20 19.32 8.46 -19.71
C ASN B 20 19.18 6.99 -20.05
N ARG B 21 18.87 6.14 -19.08
CA ARG B 21 18.78 4.70 -19.31
C ARG B 21 17.32 4.23 -19.44
N PHE B 22 17.10 3.30 -20.38
CA PHE B 22 15.84 2.58 -20.54
C PHE B 22 15.59 1.68 -19.33
N SER B 23 14.50 1.94 -18.62
CA SER B 23 14.08 1.10 -17.49
C SER B 23 13.22 -0.09 -17.92
N GLY B 24 12.07 0.18 -18.52
CA GLY B 24 11.11 -0.88 -18.79
C GLY B 24 10.72 -1.57 -17.50
N TRP B 25 10.91 -2.90 -17.45
CA TRP B 25 10.63 -3.68 -16.26
C TRP B 25 11.71 -3.61 -15.22
N TYR B 26 12.81 -2.90 -15.47
CA TYR B 26 13.76 -2.74 -14.39
C TYR B 26 13.17 -1.81 -13.33
N ASP B 27 13.34 -2.17 -12.07
CA ASP B 27 12.56 -1.56 -11.00
C ASP B 27 13.30 -0.37 -10.39
N ALA B 28 13.48 0.67 -11.20
CA ALA B 28 14.09 1.91 -10.73
C ALA B 28 13.16 2.70 -9.83
N ASP B 29 13.72 3.27 -8.78
CA ASP B 29 13.01 4.13 -7.85
C ASP B 29 12.94 5.55 -8.42
N LEU B 30 12.08 6.36 -7.83
CA LEU B 30 11.98 7.75 -8.22
C LEU B 30 13.25 8.51 -7.85
N SER B 31 13.60 9.48 -8.67
CA SER B 31 14.55 10.48 -8.25
C SER B 31 13.90 11.37 -7.20
N PRO B 32 14.70 12.10 -6.42
CA PRO B 32 14.12 13.11 -5.53
C PRO B 32 13.13 14.01 -6.24
N ALA B 33 13.49 14.44 -7.45
CA ALA B 33 12.62 15.33 -8.21
C ALA B 33 11.29 14.66 -8.55
N GLY B 34 11.33 13.38 -8.92
CA GLY B 34 10.09 12.67 -9.21
C GLY B 34 9.25 12.47 -7.96
N HIS B 35 9.89 12.24 -6.83
CA HIS B 35 9.18 12.22 -5.56
C HIS B 35 8.46 13.56 -5.32
N GLU B 36 9.12 14.66 -5.62
CA GLU B 36 8.49 15.96 -5.44
C GLU B 36 7.34 16.16 -6.41
N GLU B 37 7.48 15.70 -7.64
CA GLU B 37 6.34 15.77 -8.55
C GLU B 37 5.14 15.05 -7.95
N ALA B 38 5.38 13.86 -7.40
CA ALA B 38 4.29 13.09 -6.81
C ALA B 38 3.64 13.87 -5.68
N LYS B 39 4.46 14.58 -4.89
CA LYS B 39 3.95 15.39 -3.80
C LYS B 39 3.09 16.53 -4.32
N ARG B 40 3.54 17.19 -5.37
CA ARG B 40 2.75 18.28 -5.91
C ARG B 40 1.42 17.75 -6.45
N GLY B 41 1.45 16.58 -7.08
CA GLY B 41 0.21 16.02 -7.60
C GLY B 41 -0.76 15.68 -6.50
N GLY B 42 -0.25 15.04 -5.44
CA GLY B 42 -1.09 14.77 -4.28
C GLY B 42 -1.66 16.02 -3.69
N GLN B 43 -0.83 17.06 -3.54
CA GLN B 43 -1.34 18.33 -3.05
C GLN B 43 -2.45 18.88 -3.94
N ALA B 44 -2.34 18.68 -5.26
CA ALA B 44 -3.41 19.14 -6.13
C ALA B 44 -4.70 18.36 -5.88
N LEU B 45 -4.59 17.04 -5.73
CA LEU B 45 -5.79 16.28 -5.41
C LEU B 45 -6.37 16.72 -4.08
N ARG B 46 -5.51 16.99 -3.10
CA ARG B 46 -5.96 17.42 -1.79
C ARG B 46 -6.73 18.73 -1.88
N ASP B 47 -6.12 19.74 -2.51
CA ASP B 47 -6.76 21.03 -2.66
C ASP B 47 -8.11 20.92 -3.38
N ALA B 48 -8.27 19.95 -4.26
CA ALA B 48 -9.56 19.80 -4.93
C ALA B 48 -10.48 18.88 -4.17
N GLY B 49 -10.08 18.44 -2.98
CA GLY B 49 -10.92 17.59 -2.17
C GLY B 49 -11.24 16.22 -2.76
N TYR B 50 -10.34 15.65 -3.55
CA TYR B 50 -10.65 14.39 -4.18
C TYR B 50 -10.70 13.25 -3.17
N GLU B 51 -11.66 12.34 -3.35
CA GLU B 51 -11.82 11.14 -2.54
C GLU B 51 -11.88 9.90 -3.42
N PHE B 52 -11.26 8.81 -2.96
CA PHE B 52 -11.18 7.57 -3.73
C PHE B 52 -11.68 6.42 -2.88
N ASP B 53 -11.96 5.30 -3.53
CA ASP B 53 -12.31 4.09 -2.81
C ASP B 53 -11.34 2.95 -3.05
N ILE B 54 -10.68 2.92 -4.21
CA ILE B 54 -9.74 1.86 -4.51
C ILE B 54 -8.66 2.42 -5.43
N CYS B 55 -7.45 1.91 -5.27
CA CYS B 55 -6.27 2.35 -6.01
C CYS B 55 -5.65 1.16 -6.74
N PHE B 56 -5.31 1.37 -8.02
CA PHE B 56 -4.57 0.37 -8.76
C PHE B 56 -3.22 0.94 -9.17
N THR B 57 -2.23 0.06 -9.21
CA THR B 57 -0.87 0.45 -9.60
C THR B 57 -0.14 -0.78 -10.12
N SER B 58 1.11 -0.60 -10.50
CA SER B 58 1.90 -1.66 -11.08
C SER B 58 2.61 -2.43 -9.98
N VAL B 59 3.60 -3.27 -10.34
CA VAL B 59 4.46 -3.89 -9.32
C VAL B 59 5.83 -3.26 -9.41
N GLN B 60 5.90 -2.02 -9.89
CA GLN B 60 7.15 -1.29 -10.01
C GLN B 60 7.16 -0.14 -9.02
N LYS B 61 8.32 0.08 -8.38
CA LYS B 61 8.35 0.92 -7.20
C LYS B 61 8.25 2.40 -7.54
N ARG B 62 8.50 2.81 -8.78
CA ARG B 62 8.32 4.24 -9.08
C ARG B 62 6.83 4.59 -9.11
N ALA B 63 6.01 3.67 -9.63
CA ALA B 63 4.56 3.84 -9.60
C ALA B 63 4.02 3.65 -8.19
N ILE B 64 4.48 2.59 -7.51
CA ILE B 64 3.98 2.33 -6.15
C ILE B 64 4.32 3.51 -5.25
N ARG B 65 5.55 4.03 -5.33
CA ARG B 65 5.89 5.15 -4.45
C ARG B 65 5.12 6.41 -4.84
N THR B 66 4.88 6.62 -6.14
CA THR B 66 4.02 7.73 -6.53
C THR B 66 2.66 7.62 -5.83
N LEU B 67 2.08 6.40 -5.85
CA LEU B 67 0.80 6.17 -5.18
C LEU B 67 0.88 6.51 -3.69
N TRP B 68 1.88 5.95 -3.00
CA TRP B 68 2.05 6.22 -1.58
C TRP B 68 2.07 7.71 -1.32
N THR B 69 2.89 8.42 -2.08
CA THR B 69 3.06 9.85 -1.85
C THR B 69 1.73 10.56 -2.01
N VAL B 70 0.94 10.14 -2.99
CA VAL B 70 -0.39 10.74 -3.20
C VAL B 70 -1.30 10.43 -2.02
N LEU B 71 -1.51 9.14 -1.72
CA LEU B 71 -2.33 8.74 -0.58
C LEU B 71 -1.96 9.48 0.69
N ASP B 72 -0.66 9.74 0.89
CA ASP B 72 -0.25 10.54 2.04
C ASP B 72 -0.80 11.96 1.91
N ALA B 73 -0.59 12.57 0.75
CA ALA B 73 -1.00 13.97 0.56
C ALA B 73 -2.50 14.15 0.83
N ILE B 74 -3.34 13.24 0.33
CA ILE B 74 -4.80 13.36 0.48
C ILE B 74 -5.32 12.60 1.70
N ASP B 75 -4.43 12.19 2.61
CA ASP B 75 -4.83 11.60 3.87
C ASP B 75 -5.78 10.41 3.64
N GLN B 76 -5.42 9.53 2.70
CA GLN B 76 -6.24 8.34 2.39
C GLN B 76 -5.38 7.08 2.30
N MET B 77 -4.36 7.00 3.17
CA MET B 77 -3.45 5.86 3.20
C MET B 77 -4.14 4.58 3.63
N TRP B 78 -5.37 4.66 4.14
CA TRP B 78 -6.15 3.48 4.53
C TRP B 78 -6.90 2.85 3.36
N LEU B 79 -6.76 3.38 2.13
CA LEU B 79 -7.48 2.82 1.00
C LEU B 79 -6.92 1.44 0.64
N PRO B 80 -7.77 0.55 0.15
CA PRO B 80 -7.27 -0.65 -0.52
C PRO B 80 -6.47 -0.29 -1.76
N VAL B 81 -5.44 -1.07 -2.01
CA VAL B 81 -4.52 -0.88 -3.12
C VAL B 81 -4.31 -2.22 -3.79
N VAL B 82 -4.46 -2.26 -5.12
CA VAL B 82 -4.23 -3.46 -5.91
C VAL B 82 -3.01 -3.21 -6.81
N ARG B 83 -2.05 -4.13 -6.80
CA ARG B 83 -0.86 -4.06 -7.62
C ARG B 83 -0.93 -5.15 -8.67
N THR B 84 -0.56 -4.82 -9.92
CA THR B 84 -0.54 -5.86 -10.94
C THR B 84 0.57 -5.58 -11.95
N TRP B 85 1.27 -6.65 -12.35
CA TRP B 85 2.25 -6.50 -13.44
C TRP B 85 1.59 -6.03 -14.71
N ARG B 86 0.28 -6.23 -14.87
CA ARG B 86 -0.31 -5.81 -16.13
C ARG B 86 -0.30 -4.31 -16.30
N LEU B 87 -0.01 -3.56 -15.23
CA LEU B 87 0.12 -2.12 -15.33
C LEU B 87 1.57 -1.68 -15.43
N ASN B 88 2.49 -2.64 -15.61
CA ASN B 88 3.91 -2.31 -15.70
C ASN B 88 4.20 -1.45 -16.91
N GLU B 89 5.33 -0.77 -16.85
CA GLU B 89 5.88 -0.09 -18.00
C GLU B 89 6.12 -1.09 -19.13
N ARG B 90 6.21 -0.57 -20.35
CA ARG B 90 6.61 -1.37 -21.48
C ARG B 90 7.93 -2.09 -21.19
N HIS B 91 8.03 -3.36 -21.58
CA HIS B 91 9.29 -4.10 -21.47
C HIS B 91 10.20 -3.74 -22.65
N TYR B 92 11.23 -2.96 -22.40
CA TYR B 92 12.09 -2.52 -23.48
C TYR B 92 13.13 -3.58 -23.88
N GLY B 93 13.05 -4.78 -23.33
CA GLY B 93 13.85 -5.87 -23.87
C GLY B 93 15.33 -5.54 -23.83
N GLY B 94 16.03 -5.90 -24.91
CA GLY B 94 17.47 -5.72 -24.95
C GLY B 94 17.93 -4.30 -24.67
N LEU B 95 17.11 -3.31 -25.01
CA LEU B 95 17.54 -1.94 -24.72
C LEU B 95 17.62 -1.66 -23.23
N THR B 96 17.03 -2.52 -22.40
CA THR B 96 17.00 -2.31 -20.97
C THR B 96 18.40 -2.08 -20.46
N GLY B 97 18.62 -0.93 -19.82
CA GLY B 97 19.89 -0.61 -19.22
C GLY B 97 20.82 0.23 -20.10
N LEU B 98 20.69 0.12 -21.41
CA LEU B 98 21.42 1.06 -22.26
C LEU B 98 20.93 2.47 -22.03
N ASN B 99 21.80 3.44 -22.31
CA ASN B 99 21.39 4.83 -22.36
C ASN B 99 21.17 5.25 -23.82
N LYS B 100 20.71 6.50 -23.96
CA LYS B 100 20.47 7.13 -25.26
C LYS B 100 21.65 6.94 -26.20
N ALA B 101 22.85 7.31 -25.72
CA ALA B 101 24.02 7.34 -26.59
C ALA B 101 24.36 5.95 -27.10
N GLU B 102 24.49 4.97 -26.19
CA GLU B 102 24.84 3.61 -26.59
C GLU B 102 23.85 3.08 -27.61
N THR B 103 22.58 3.48 -27.47
CA THR B 103 21.51 2.97 -28.30
C THR B 103 21.58 3.59 -29.69
N ALA B 104 21.69 4.91 -29.78
CA ALA B 104 21.88 5.56 -31.07
C ALA B 104 23.17 5.07 -31.75
N ALA B 105 24.27 5.01 -31.00
CA ALA B 105 25.51 4.55 -31.58
C ALA B 105 25.37 3.14 -32.14
N LYS B 106 24.72 2.24 -31.40
CA LYS B 106 24.63 0.84 -31.75
C LYS B 106 23.65 0.57 -32.87
N HIS B 107 22.54 1.31 -32.95
CA HIS B 107 21.49 0.93 -33.89
C HIS B 107 21.18 1.97 -34.98
N GLY B 108 21.70 3.20 -34.89
CA GLY B 108 21.42 4.12 -35.98
C GLY B 108 20.09 4.85 -35.88
N GLU B 109 20.06 6.03 -36.48
CA GLU B 109 18.89 6.87 -36.37
C GLU B 109 17.66 6.21 -36.96
N ALA B 110 17.81 5.56 -38.12
CA ALA B 110 16.63 5.00 -38.79
C ALA B 110 15.95 3.95 -37.92
N GLN B 111 16.74 3.06 -37.34
CA GLN B 111 16.14 2.01 -36.52
C GLN B 111 15.52 2.59 -35.25
N VAL B 112 16.16 3.61 -34.67
CA VAL B 112 15.54 4.18 -33.47
C VAL B 112 14.23 4.88 -33.82
N LYS B 113 14.20 5.62 -34.93
CA LYS B 113 12.94 6.22 -35.37
C LYS B 113 11.88 5.15 -35.59
N ILE B 114 12.26 4.01 -36.18
CA ILE B 114 11.26 2.95 -36.36
C ILE B 114 10.69 2.55 -35.02
N TRP B 115 11.55 2.33 -34.03
CA TRP B 115 11.04 1.92 -32.73
C TRP B 115 10.14 2.99 -32.10
N ARG B 116 10.50 4.26 -32.22
CA ARG B 116 9.68 5.26 -31.54
C ARG B 116 8.35 5.48 -32.26
N ARG B 117 8.33 5.33 -33.58
CA ARG B 117 7.17 5.66 -34.40
C ARG B 117 6.28 4.45 -34.69
N SER B 118 6.71 3.22 -34.43
CA SER B 118 5.93 2.04 -34.77
C SER B 118 5.04 1.63 -33.61
N TYR B 119 3.90 1.03 -33.95
CA TYR B 119 2.94 0.59 -32.96
C TYR B 119 3.07 -0.88 -32.66
N ASP B 120 3.55 -1.66 -33.61
CA ASP B 120 3.69 -3.10 -33.41
C ASP B 120 5.09 -3.61 -33.74
N VAL B 121 6.10 -2.74 -33.71
CA VAL B 121 7.48 -3.19 -33.90
C VAL B 121 8.14 -3.20 -32.52
N PRO B 122 8.39 -4.36 -31.93
CA PRO B 122 9.08 -4.41 -30.65
C PRO B 122 10.56 -4.16 -30.81
N PRO B 123 11.26 -3.77 -29.75
CA PRO B 123 12.70 -3.70 -29.80
C PRO B 123 13.29 -5.07 -29.58
N PRO B 124 14.61 -5.22 -29.70
CA PRO B 124 15.20 -6.57 -29.66
C PRO B 124 14.87 -7.27 -28.37
N PRO B 125 14.71 -8.58 -28.39
CA PRO B 125 14.41 -9.29 -27.14
C PRO B 125 15.56 -9.19 -26.18
N MET B 126 15.23 -9.19 -24.90
CA MET B 126 16.24 -9.32 -23.85
C MET B 126 16.66 -10.79 -23.80
N GLU B 127 17.89 -11.07 -24.19
CA GLU B 127 18.39 -12.44 -24.26
C GLU B 127 18.96 -12.85 -22.92
N PRO B 128 19.12 -14.17 -22.70
CA PRO B 128 19.56 -14.66 -21.38
C PRO B 128 20.95 -14.22 -20.99
N ASP B 129 21.75 -13.68 -21.91
CA ASP B 129 23.04 -13.12 -21.53
C ASP B 129 22.97 -11.64 -21.22
N HIS B 130 21.76 -11.07 -21.21
CA HIS B 130 21.61 -9.66 -20.92
C HIS B 130 21.95 -9.39 -19.45
N PRO B 131 22.58 -8.26 -19.16
CA PRO B 131 22.94 -8.01 -17.75
C PRO B 131 21.73 -8.08 -16.82
N PHE B 132 20.54 -7.77 -17.29
CA PHE B 132 19.38 -7.77 -16.41
C PHE B 132 18.42 -8.92 -16.68
N TYR B 133 18.83 -9.89 -17.49
CA TYR B 133 18.00 -11.06 -17.70
C TYR B 133 17.46 -11.63 -16.39
N SER B 134 18.34 -11.91 -15.44
CA SER B 134 17.88 -12.59 -14.23
C SER B 134 17.23 -11.60 -13.27
N ASN B 135 17.79 -10.41 -13.16
CA ASN B 135 17.20 -9.38 -12.31
C ASN B 135 15.71 -9.19 -12.61
N ILE B 136 15.31 -9.30 -13.88
CA ILE B 136 13.91 -9.04 -14.24
C ILE B 136 13.19 -10.37 -14.42
N SER B 137 13.62 -11.15 -15.39
CA SER B 137 12.90 -12.37 -15.75
C SER B 137 12.80 -13.36 -14.60
N LYS B 138 13.72 -13.33 -13.65
CA LYS B 138 13.65 -14.30 -12.56
C LYS B 138 13.27 -13.64 -11.24
N ASP B 139 12.69 -12.45 -11.29
CA ASP B 139 12.18 -11.85 -10.07
C ASP B 139 10.93 -12.58 -9.62
N ARG B 140 10.95 -13.05 -8.38
CA ARG B 140 9.85 -13.89 -7.90
C ARG B 140 8.48 -13.22 -8.03
N ARG B 141 8.44 -11.88 -8.12
CA ARG B 141 7.15 -11.19 -8.32
C ARG B 141 6.48 -11.59 -9.62
N TYR B 142 7.17 -12.24 -10.54
CA TYR B 142 6.54 -12.71 -11.76
C TYR B 142 6.34 -14.22 -11.78
N ALA B 143 6.74 -14.92 -10.70
CA ALA B 143 6.58 -16.37 -10.59
C ALA B 143 5.22 -16.88 -11.03
N ASP B 144 4.16 -16.09 -10.85
CA ASP B 144 2.81 -16.57 -11.17
C ASP B 144 2.47 -16.43 -12.64
N LEU B 145 3.36 -15.91 -13.47
CA LEU B 145 3.04 -15.66 -14.86
C LEU B 145 3.29 -16.93 -15.65
N THR B 146 2.41 -17.21 -16.60
CA THR B 146 2.63 -18.31 -17.52
C THR B 146 3.81 -17.98 -18.42
N GLU B 147 4.32 -19.02 -19.08
CA GLU B 147 5.53 -18.84 -19.87
C GLU B 147 5.38 -17.73 -20.91
N ASP B 148 4.19 -17.61 -21.48
CA ASP B 148 4.05 -16.63 -22.54
C ASP B 148 3.66 -15.24 -22.04
N GLN B 149 3.29 -15.08 -20.76
CA GLN B 149 2.95 -13.73 -20.30
C GLN B 149 4.18 -12.93 -19.90
N LEU B 150 5.20 -13.57 -19.36
CA LEU B 150 6.44 -12.84 -19.10
C LEU B 150 7.13 -12.48 -20.41
N PRO B 151 7.20 -11.21 -20.77
CA PRO B 151 7.73 -10.84 -22.08
C PRO B 151 9.25 -10.77 -22.08
N SER B 152 9.78 -10.80 -23.29
CA SER B 152 11.18 -10.52 -23.55
C SER B 152 11.37 -9.13 -24.13
N CYS B 153 10.28 -8.51 -24.60
CA CYS B 153 10.25 -7.20 -25.22
C CYS B 153 8.79 -6.90 -25.57
N GLU B 154 8.47 -5.62 -25.76
CA GLU B 154 7.09 -5.30 -26.10
C GLU B 154 7.04 -4.14 -27.08
N SER B 155 6.23 -4.27 -28.12
CA SER B 155 5.72 -3.10 -28.80
C SER B 155 4.70 -2.38 -27.91
N LEU B 156 4.33 -1.16 -28.30
CA LEU B 156 3.20 -0.51 -27.63
C LEU B 156 1.94 -1.36 -27.70
N LYS B 157 1.67 -1.96 -28.87
CA LYS B 157 0.52 -2.83 -29.00
C LYS B 157 0.56 -3.93 -27.96
N ASP B 158 1.73 -4.55 -27.76
CA ASP B 158 1.86 -5.62 -26.78
C ASP B 158 1.49 -5.14 -25.37
N THR B 159 2.09 -4.02 -24.96
CA THR B 159 1.83 -3.48 -23.62
C THR B 159 0.34 -3.23 -23.42
N ILE B 160 -0.29 -2.62 -24.43
CA ILE B 160 -1.71 -2.33 -24.34
C ILE B 160 -2.51 -3.62 -24.33
N ALA B 161 -2.03 -4.66 -25.04
CA ALA B 161 -2.75 -5.93 -25.11
C ALA B 161 -2.75 -6.66 -23.79
N ARG B 162 -1.69 -6.52 -23.00
CA ARG B 162 -1.73 -7.18 -21.70
C ARG B 162 -2.25 -6.27 -20.60
N ALA B 163 -2.36 -4.96 -20.86
CA ALA B 163 -2.95 -4.10 -19.84
C ALA B 163 -4.47 -4.05 -19.91
N LEU B 164 -5.03 -3.98 -21.13
CA LEU B 164 -6.47 -3.85 -21.26
C LEU B 164 -7.25 -5.00 -20.62
N PRO B 165 -6.83 -6.26 -20.69
CA PRO B 165 -7.54 -7.29 -19.92
C PRO B 165 -7.71 -6.90 -18.46
N PHE B 166 -6.68 -6.33 -17.83
CA PHE B 166 -6.83 -5.96 -16.44
C PHE B 166 -7.85 -4.84 -16.28
N TRP B 167 -7.85 -3.89 -17.21
CA TRP B 167 -8.83 -2.81 -17.16
C TRP B 167 -10.24 -3.38 -17.24
N ASN B 168 -10.49 -4.25 -18.22
CA ASN B 168 -11.85 -4.73 -18.48
C ASN B 168 -12.34 -5.66 -17.37
N GLU B 169 -11.45 -6.50 -16.83
CA GLU B 169 -11.86 -7.53 -15.87
C GLU B 169 -11.82 -7.08 -14.43
N GLU B 170 -11.03 -6.06 -14.08
CA GLU B 170 -10.79 -5.73 -12.68
C GLU B 170 -11.20 -4.33 -12.28
N ILE B 171 -11.03 -3.36 -13.16
CA ILE B 171 -11.28 -1.95 -12.82
C ILE B 171 -12.67 -1.53 -13.23
N VAL B 172 -13.03 -1.79 -14.48
CA VAL B 172 -14.36 -1.51 -15.01
C VAL B 172 -15.47 -2.02 -14.08
N PRO B 173 -15.48 -3.31 -13.72
CA PRO B 173 -16.45 -3.75 -12.70
C PRO B 173 -16.46 -2.84 -11.48
N GLN B 174 -15.29 -2.40 -11.02
CA GLN B 174 -15.22 -1.54 -9.84
C GLN B 174 -15.82 -0.17 -10.11
N ILE B 175 -15.54 0.42 -11.27
CA ILE B 175 -16.15 1.71 -11.63
C ILE B 175 -17.67 1.59 -11.67
N LYS B 176 -18.19 0.54 -12.31
CA LYS B 176 -19.64 0.35 -12.43
C LYS B 176 -20.29 0.02 -11.11
N GLU B 177 -19.50 -0.44 -10.13
CA GLU B 177 -19.94 -0.59 -8.76
C GLU B 177 -20.12 0.74 -8.05
N GLY B 178 -19.66 1.85 -8.64
CA GLY B 178 -19.65 3.12 -7.95
C GLY B 178 -18.38 3.45 -7.18
N LYS B 179 -17.31 2.67 -7.34
CA LYS B 179 -16.06 2.95 -6.62
C LYS B 179 -15.24 4.03 -7.33
N ARG B 180 -14.75 4.99 -6.58
CA ARG B 180 -13.90 6.02 -7.16
C ARG B 180 -12.47 5.49 -7.28
N VAL B 181 -11.98 5.42 -8.51
CA VAL B 181 -10.77 4.69 -8.85
C VAL B 181 -9.63 5.66 -9.10
N LEU B 182 -8.46 5.34 -8.55
CA LEU B 182 -7.21 6.03 -8.81
C LEU B 182 -6.23 5.00 -9.37
N ILE B 183 -5.67 5.29 -10.55
CA ILE B 183 -4.68 4.43 -11.19
C ILE B 183 -3.37 5.18 -11.22
N ALA B 184 -2.39 4.68 -10.51
CA ALA B 184 -1.05 5.24 -10.49
C ALA B 184 -0.15 4.26 -11.24
N ALA B 185 0.33 4.67 -12.42
CA ALA B 185 1.09 3.73 -13.22
C ALA B 185 2.08 4.43 -14.14
N HIS B 186 2.17 3.93 -15.37
CA HIS B 186 3.24 4.27 -16.29
C HIS B 186 2.65 4.84 -17.58
N GLY B 187 3.48 5.60 -18.29
CA GLY B 187 3.02 6.26 -19.50
C GLY B 187 2.41 5.32 -20.51
N ASN B 188 2.98 4.13 -20.67
CA ASN B 188 2.53 3.27 -21.76
C ASN B 188 1.32 2.40 -21.40
N SER B 189 1.27 1.84 -20.19
CA SER B 189 0.02 1.19 -19.81
C SER B 189 -1.10 2.23 -19.66
N LEU B 190 -0.77 3.41 -19.15
CA LEU B 190 -1.81 4.42 -19.09
C LEU B 190 -2.22 4.86 -20.49
N ARG B 191 -1.28 4.86 -21.44
CA ARG B 191 -1.65 5.12 -22.82
C ARG B 191 -2.69 4.11 -23.26
N GLY B 192 -2.49 2.85 -22.93
CA GLY B 192 -3.49 1.85 -23.27
C GLY B 192 -4.87 2.22 -22.75
N ILE B 193 -4.94 2.58 -21.47
CA ILE B 193 -6.24 2.93 -20.92
C ILE B 193 -6.84 4.13 -21.66
N VAL B 194 -6.03 5.15 -21.95
CA VAL B 194 -6.55 6.34 -22.63
C VAL B 194 -7.03 5.99 -24.04
N LYS B 195 -6.26 5.16 -24.77
CA LYS B 195 -6.65 4.74 -26.10
C LYS B 195 -8.00 4.04 -26.08
N HIS B 196 -8.22 3.16 -25.09
CA HIS B 196 -9.52 2.51 -24.99
C HIS B 196 -10.61 3.50 -24.64
N LEU B 197 -10.40 4.29 -23.57
CA LEU B 197 -11.41 5.25 -23.15
C LEU B 197 -11.87 6.13 -24.30
N GLU B 198 -10.92 6.63 -25.09
CA GLU B 198 -11.20 7.68 -26.07
C GLU B 198 -11.33 7.13 -27.48
N GLY B 199 -11.13 5.82 -27.67
CA GLY B 199 -11.14 5.25 -29.00
C GLY B 199 -10.20 5.97 -29.93
N LEU B 200 -8.93 6.11 -29.53
CA LEU B 200 -7.95 6.79 -30.35
C LEU B 200 -7.33 5.82 -31.34
N SER B 201 -6.91 6.38 -32.48
CA SER B 201 -6.17 5.58 -33.45
C SER B 201 -4.76 5.28 -32.94
N GLU B 202 -4.20 4.16 -33.44
CA GLU B 202 -2.80 3.87 -33.17
C GLU B 202 -1.91 5.07 -33.45
N GLU B 203 -2.18 5.77 -34.55
CA GLU B 203 -1.43 6.99 -34.85
C GLU B 203 -1.62 8.04 -33.75
N ALA B 204 -2.87 8.31 -33.37
CA ALA B 204 -3.11 9.29 -32.31
C ALA B 204 -2.41 8.88 -31.02
N ILE B 205 -2.54 7.61 -30.62
CA ILE B 205 -1.96 7.21 -29.34
C ILE B 205 -0.44 7.32 -29.37
N MET B 206 0.18 7.05 -30.51
CA MET B 206 1.63 7.26 -30.64
C MET B 206 1.98 8.71 -30.43
N GLU B 207 1.12 9.62 -30.92
CA GLU B 207 1.39 11.04 -30.74
C GLU B 207 1.28 11.49 -29.29
N LEU B 208 0.56 10.76 -28.46
CA LEU B 208 0.16 11.23 -27.14
C LEU B 208 1.20 10.87 -26.10
N ASN B 209 1.67 11.86 -25.35
CA ASN B 209 2.54 11.65 -24.21
C ASN B 209 1.85 12.24 -22.99
N LEU B 210 1.71 11.45 -21.96
CA LEU B 210 0.94 11.85 -20.79
C LEU B 210 1.85 12.60 -19.82
N PRO B 211 1.45 13.75 -19.31
CA PRO B 211 2.32 14.51 -18.40
C PRO B 211 2.51 13.75 -17.10
N THR B 212 3.76 13.74 -16.63
CA THR B 212 4.10 13.03 -15.40
C THR B 212 3.72 13.83 -14.15
N GLY B 213 3.32 13.09 -13.09
CA GLY B 213 3.09 13.63 -11.78
C GLY B 213 1.92 14.59 -11.71
N ILE B 214 1.07 14.60 -12.72
CA ILE B 214 -0.07 15.50 -12.80
C ILE B 214 -1.35 14.67 -12.80
N PRO B 215 -2.28 14.92 -11.88
CA PRO B 215 -3.53 14.15 -11.86
C PRO B 215 -4.33 14.41 -13.12
N ILE B 216 -4.83 13.32 -13.71
CA ILE B 216 -5.50 13.34 -14.99
C ILE B 216 -6.92 12.83 -14.75
N VAL B 217 -7.90 13.74 -14.82
CA VAL B 217 -9.29 13.47 -14.44
C VAL B 217 -10.15 13.22 -15.68
N TYR B 218 -10.87 12.11 -15.68
CA TYR B 218 -11.93 11.81 -16.64
C TYR B 218 -13.28 11.86 -15.93
N GLU B 219 -14.22 12.58 -16.53
CA GLU B 219 -15.60 12.50 -16.14
C GLU B 219 -16.25 11.54 -17.14
N LEU B 220 -16.75 10.41 -16.65
CA LEU B 220 -17.25 9.39 -17.54
C LEU B 220 -18.73 9.18 -17.28
N ASP B 221 -19.45 8.76 -18.34
CA ASP B 221 -20.87 8.42 -18.19
C ASP B 221 -20.98 6.96 -17.76
N LYS B 222 -22.20 6.46 -17.67
CA LYS B 222 -22.40 5.11 -17.15
C LYS B 222 -21.82 4.02 -18.06
N ASN B 223 -21.49 4.32 -19.31
CA ASN B 223 -20.84 3.35 -20.17
C ASN B 223 -19.34 3.59 -20.28
N LEU B 224 -18.77 4.33 -19.33
CA LEU B 224 -17.34 4.62 -19.27
C LEU B 224 -16.87 5.40 -20.48
N LYS B 225 -17.82 6.16 -21.12
CA LYS B 225 -17.50 7.01 -22.27
C LYS B 225 -17.19 8.41 -21.78
N PRO B 226 -16.02 8.96 -22.09
CA PRO B 226 -15.68 10.29 -21.57
C PRO B 226 -16.67 11.34 -22.08
N ILE B 227 -17.23 12.11 -21.15
CA ILE B 227 -18.17 13.16 -21.51
C ILE B 227 -17.47 14.46 -21.90
N LYS B 228 -16.16 14.47 -21.88
CA LYS B 228 -15.46 15.70 -22.21
C LYS B 228 -13.97 15.40 -22.14
N PRO B 229 -13.14 16.27 -22.67
CA PRO B 229 -11.72 15.95 -22.74
C PRO B 229 -11.09 15.83 -21.35
N MET B 230 -10.03 15.04 -21.26
CA MET B 230 -9.35 14.83 -20.00
C MET B 230 -8.83 16.15 -19.44
N GLN B 231 -8.89 16.30 -18.13
CA GLN B 231 -8.47 17.51 -17.45
C GLN B 231 -7.36 17.18 -16.46
N PHE B 232 -6.59 18.21 -16.11
CA PHE B 232 -5.47 18.07 -15.18
C PHE B 232 -5.70 18.94 -13.95
N LEU B 233 -5.13 18.52 -12.83
CA LEU B 233 -5.25 19.24 -11.58
C LEU B 233 -3.89 19.84 -11.23
N GLY B 234 -3.90 21.04 -10.65
CA GLY B 234 -2.69 21.74 -10.29
C GLY B 234 -2.89 23.25 -10.29
N ASP B 235 -1.77 23.96 -10.25
CA ASP B 235 -1.78 25.41 -10.27
C ASP B 235 -1.96 25.91 -11.71
N GLU B 236 -2.38 27.17 -11.83
CA GLU B 236 -2.66 27.75 -13.13
C GLU B 236 -1.49 27.54 -14.10
N GLU B 237 -0.25 27.68 -13.60
CA GLU B 237 0.91 27.38 -14.41
C GLU B 237 0.83 25.95 -14.91
N THR B 238 1.44 25.02 -14.17
CA THR B 238 1.42 23.60 -14.52
C THR B 238 0.05 23.14 -15.04
#